data_4GLY
#
_entry.id   4GLY
#
_cell.length_a   120.800
_cell.length_b   120.800
_cell.length_c   43.080
_cell.angle_alpha   90.00
_cell.angle_beta   90.00
_cell.angle_gamma   120.00
#
_symmetry.space_group_name_H-M   'H 3'
#
loop_
_entity.id
_entity.type
_entity.pdbx_description
1 polymer 'Urokinase-type plasminogen activator'
2 polymer 'BICYCLIC PEPTIDE INHIBITOR UK504'
3 non-polymer 'SULFATE ION'
4 non-polymer 'SODIUM ION'
5 non-polymer 'CHLORIDE ION'
6 non-polymer 'HEXAETHYLENE GLYCOL'
7 non-polymer GLYCEROL
8 water water
#
loop_
_entity_poly.entity_id
_entity_poly.type
_entity_poly.pdbx_seq_one_letter_code
_entity_poly.pdbx_strand_id
1 'polypeptide(L)'
;IIGGEFTTIENQPWFAAIYRRHRGGSVTYVCGGSLISPCWVISATHCFIDYPKKEDYIVYLGRSRLNSNTQGEMKFEVEN
LILHKDYSADTLAHHNDIALLKIRSKEGRCAQPSRTIQTIALPSMYNDPQFGTSCEITGFGKEQSTDYLYPEQLKMTVVK
LISHRECQQPHYYGSEVTTKMLCAADPQWKTDSCQGDSGGPLVCSLQGRMTLTGIVSWGRGCALKDKPGVYTRVSHFLPW
IRSHT
;
A
2 'polypeptide(L)' CCLGRGCENHRCL(NH2) B
#
loop_
_chem_comp.id
_chem_comp.type
_chem_comp.name
_chem_comp.formula
CL non-polymer 'CHLORIDE ION' 'Cl -1'
GOL non-polymer GLYCEROL 'C3 H8 O3'
NA non-polymer 'SODIUM ION' 'Na 1'
NH2 non-polymer 'AMINO GROUP' 'H2 N'
P6G non-polymer 'HEXAETHYLENE GLYCOL' 'C12 H26 O7'
SO4 non-polymer 'SULFATE ION' 'O4 S -2'
#
# COMPACT_ATOMS: atom_id res chain seq x y z
N ILE A 1 2.06 -5.48 -9.30
CA ILE A 1 3.02 -6.57 -8.92
C ILE A 1 3.65 -7.23 -10.14
N ILE A 2 4.99 -7.15 -10.17
CA ILE A 2 5.76 -7.89 -11.18
C ILE A 2 5.89 -9.33 -10.77
N GLY A 3 5.59 -10.25 -11.66
CA GLY A 3 5.68 -11.67 -11.28
C GLY A 3 4.56 -12.01 -10.31
N GLY A 4 4.84 -12.88 -9.35
CA GLY A 4 3.78 -13.28 -8.48
C GLY A 4 2.67 -14.06 -9.10
N GLU A 5 1.52 -13.94 -8.45
CA GLU A 5 0.38 -14.77 -8.79
C GLU A 5 -0.91 -13.92 -8.69
N PHE A 6 -1.90 -14.30 -9.44
CA PHE A 6 -3.25 -13.79 -9.24
C PHE A 6 -3.86 -14.38 -8.00
N THR A 7 -4.74 -13.57 -7.43
CA THR A 7 -5.44 -13.99 -6.26
C THR A 7 -6.85 -13.35 -6.25
N THR A 8 -7.64 -13.73 -5.26
CA THR A 8 -8.93 -13.05 -4.99
C THR A 8 -8.84 -12.44 -3.60
N ILE A 9 -9.86 -11.66 -3.25
CA ILE A 9 -9.86 -10.84 -2.01
C ILE A 9 -9.94 -11.74 -0.78
N GLU A 10 -10.46 -12.97 -0.94
CA GLU A 10 -10.48 -13.90 0.22
C GLU A 10 -9.08 -14.15 0.78
N ASN A 11 -8.03 -14.06 -0.05
CA ASN A 11 -6.67 -14.24 0.42
C ASN A 11 -5.98 -12.97 0.93
N GLN A 12 -6.72 -11.84 0.96
CA GLN A 12 -6.17 -10.62 1.56
C GLN A 12 -7.38 -9.74 1.89
N PRO A 13 -8.25 -10.20 2.87
CA PRO A 13 -9.53 -9.57 3.00
C PRO A 13 -9.54 -8.19 3.67
N TRP A 14 -8.38 -7.75 4.14
CA TRP A 14 -8.18 -6.38 4.60
C TRP A 14 -7.82 -5.43 3.45
N PHE A 15 -7.60 -5.94 2.24
CA PHE A 15 -7.12 -5.08 1.16
C PHE A 15 -8.20 -4.10 0.72
N ALA A 16 -7.86 -2.80 0.64
CA ALA A 16 -8.82 -1.77 0.24
C ALA A 16 -8.34 -1.23 -1.11
N ALA A 17 -9.28 -1.03 -2.03
CA ALA A 17 -9.00 -0.51 -3.36
C ALA A 17 -9.50 0.93 -3.36
N ILE A 18 -8.58 1.88 -3.66
CA ILE A 18 -8.89 3.32 -3.53
C ILE A 18 -8.88 4.01 -4.90
N TYR A 19 -9.96 4.70 -5.26
CA TYR A 19 -10.14 5.29 -6.58
C TYR A 19 -10.36 6.79 -6.37
N ARG A 20 -10.23 7.54 -7.43
CA ARG A 20 -10.55 8.97 -7.40
C ARG A 20 -11.51 9.31 -8.52
N ARG A 21 -12.48 10.15 -8.20
CA ARG A 21 -13.45 10.61 -9.20
CA ARG A 21 -13.50 10.65 -9.14
C ARG A 21 -12.90 11.93 -9.71
N HIS A 22 -12.87 12.09 -11.01
CA HIS A 22 -12.37 13.30 -11.68
C HIS A 22 -13.47 14.30 -12.07
N ARG A 23 -13.04 15.48 -12.54
CA ARG A 23 -13.92 16.45 -13.19
C ARG A 23 -14.85 15.84 -14.23
N GLY A 24 -14.28 15.10 -15.19
CA GLY A 24 -15.08 14.44 -16.23
C GLY A 24 -16.21 13.58 -15.66
N GLY A 25 -16.06 13.17 -14.41
CA GLY A 25 -16.95 12.17 -13.80
C GLY A 25 -16.32 10.78 -13.93
N SER A 26 -15.20 10.70 -14.65
CA SER A 26 -14.46 9.40 -14.79
C SER A 26 -13.78 9.01 -13.47
N VAL A 27 -13.76 7.70 -13.18
CA VAL A 27 -13.16 7.18 -11.90
C VAL A 27 -11.94 6.30 -12.22
N THR A 28 -10.83 6.62 -11.59
CA THR A 28 -9.56 5.93 -11.89
C THR A 28 -8.98 5.41 -10.60
N TYR A 29 -8.26 4.30 -10.72
CA TYR A 29 -7.62 3.67 -9.55
C TYR A 29 -6.46 4.53 -9.11
N VAL A 30 -6.30 4.63 -7.81
CA VAL A 30 -5.22 5.45 -7.19
C VAL A 30 -4.18 4.51 -6.56
N CYS A 31 -4.57 3.82 -5.49
CA CYS A 31 -3.60 3.07 -4.66
C CYS A 31 -4.37 2.01 -3.85
N GLY A 32 -3.63 1.08 -3.24
CA GLY A 32 -4.15 0.16 -2.25
C GLY A 32 -4.13 0.77 -0.87
N GLY A 33 -4.72 0.01 0.05
CA GLY A 33 -4.76 0.33 1.48
C GLY A 33 -5.13 -0.94 2.24
N SER A 34 -5.09 -0.87 3.57
CA SER A 34 -5.43 -1.97 4.42
C SER A 34 -6.42 -1.55 5.51
N LEU A 35 -7.42 -2.40 5.70
CA LEU A 35 -8.44 -2.12 6.74
C LEU A 35 -7.84 -2.53 8.10
N ILE A 36 -7.70 -1.57 9.03
CA ILE A 36 -7.09 -1.85 10.32
C ILE A 36 -8.16 -1.80 11.43
N SER A 37 -9.32 -1.19 11.14
CA SER A 37 -10.46 -1.31 12.06
C SER A 37 -11.68 -1.06 11.17
N PRO A 38 -12.88 -1.28 11.67
CA PRO A 38 -14.05 -1.14 10.81
C PRO A 38 -14.17 0.19 10.06
N CYS A 39 -13.75 1.30 10.66
CA CYS A 39 -13.90 2.62 10.01
C CYS A 39 -12.62 3.17 9.46
N TRP A 40 -11.52 2.43 9.57
CA TRP A 40 -10.20 3.01 9.15
C TRP A 40 -9.42 2.14 8.24
N VAL A 41 -8.94 2.80 7.17
CA VAL A 41 -8.03 2.19 6.19
C VAL A 41 -6.73 2.94 6.25
N ILE A 42 -5.63 2.19 6.22
CA ILE A 42 -4.29 2.83 6.21
C ILE A 42 -3.67 2.63 4.85
N SER A 43 -2.98 3.72 4.41
CA SER A 43 -2.41 3.75 3.03
C SER A 43 -1.17 4.66 3.10
N ALA A 44 -0.74 5.19 1.97
CA ALA A 44 0.46 6.02 1.87
C ALA A 44 0.05 7.47 1.55
N THR A 45 0.67 8.45 2.21
CA THR A 45 0.40 9.89 1.91
C THR A 45 0.70 10.22 0.46
N HIS A 46 1.73 9.62 -0.18
CA HIS A 46 2.04 10.09 -1.53
C HIS A 46 0.93 9.83 -2.51
N CYS A 47 0.02 8.91 -2.18
CA CYS A 47 -1.12 8.60 -3.08
C CYS A 47 -2.12 9.74 -3.15
N PHE A 48 -2.09 10.66 -2.17
CA PHE A 48 -3.10 11.72 -2.01
C PHE A 48 -2.52 13.13 -1.92
N ILE A 49 -1.18 13.28 -1.79
CA ILE A 49 -0.60 14.58 -1.42
C ILE A 49 -0.92 15.65 -2.45
N ASP A 50 -1.03 15.27 -3.75
CA ASP A 50 -1.28 16.27 -4.77
C ASP A 50 -2.76 16.62 -4.90
N TYR A 51 -3.60 15.77 -4.34
CA TYR A 51 -5.08 15.95 -4.44
C TYR A 51 -5.71 15.60 -3.08
N PRO A 52 -5.51 16.46 -2.07
CA PRO A 52 -5.88 16.05 -0.66
C PRO A 52 -7.35 16.17 -0.28
N LYS A 53 -8.19 16.55 -1.25
CA LYS A 53 -9.66 16.66 -0.96
C LYS A 53 -10.38 15.32 -0.79
N LYS A 54 -10.87 15.07 0.42
CA LYS A 54 -11.49 13.76 0.67
C LYS A 54 -12.66 13.43 -0.26
N GLU A 55 -13.40 14.44 -0.74
CA GLU A 55 -14.57 14.18 -1.53
C GLU A 55 -14.35 13.52 -2.87
N ASP A 56 -13.10 13.55 -3.32
CA ASP A 56 -12.66 13.08 -4.63
C ASP A 56 -12.53 11.54 -4.61
N TYR A 57 -12.56 10.90 -3.44
CA TYR A 57 -12.15 9.52 -3.35
C TYR A 57 -13.26 8.54 -3.05
N ILE A 58 -13.07 7.33 -3.48
CA ILE A 58 -14.03 6.23 -3.23
C ILE A 58 -13.16 5.05 -2.80
N VAL A 59 -13.58 4.31 -1.79
CA VAL A 59 -12.86 3.17 -1.30
C VAL A 59 -13.76 1.93 -1.39
N TYR A 60 -13.21 0.86 -1.94
CA TYR A 60 -13.93 -0.43 -1.90
C TYR A 60 -13.25 -1.41 -1.02
N LEU A 61 -14.05 -2.16 -0.27
CA LEU A 61 -13.57 -3.38 0.41
C LEU A 61 -14.29 -4.62 -0.20
N GLY A 62 -13.63 -5.77 -0.14
CA GLY A 62 -14.21 -6.99 -0.68
C GLY A 62 -14.15 -7.05 -2.21
N ARG A 63 -13.22 -6.31 -2.80
CA ARG A 63 -13.09 -6.23 -4.22
C ARG A 63 -11.84 -7.00 -4.79
N SER A 64 -12.06 -7.97 -5.71
CA SER A 64 -10.95 -8.75 -6.36
C SER A 64 -10.61 -8.28 -7.72
N ARG A 65 -11.50 -7.45 -8.32
CA ARG A 65 -11.31 -6.96 -9.71
C ARG A 65 -11.27 -5.47 -9.74
N LEU A 66 -10.48 -4.94 -10.68
CA LEU A 66 -10.21 -3.51 -10.74
C LEU A 66 -11.42 -2.72 -11.27
N ASN A 67 -12.04 -3.18 -12.33
CA ASN A 67 -13.04 -2.38 -12.99
C ASN A 67 -14.37 -3.04 -13.11
N SER A 68 -14.60 -4.05 -12.29
CA SER A 68 -15.82 -4.80 -12.32
C SER A 68 -16.13 -5.08 -10.87
N ASN A 69 -17.40 -5.26 -10.57
CA ASN A 69 -17.85 -5.46 -9.22
C ASN A 69 -17.57 -6.94 -8.76
N THR A 70 -17.21 -7.09 -7.51
CA THR A 70 -17.09 -8.42 -6.94
C THR A 70 -18.28 -8.59 -6.02
N GLN A 71 -18.87 -9.78 -6.09
CA GLN A 71 -20.00 -10.06 -5.21
C GLN A 71 -19.59 -9.93 -3.74
N GLY A 72 -20.40 -9.19 -2.99
CA GLY A 72 -20.13 -8.99 -1.59
C GLY A 72 -19.40 -7.67 -1.27
N GLU A 73 -18.94 -6.95 -2.25
CA GLU A 73 -18.10 -5.79 -1.97
C GLU A 73 -18.85 -4.67 -1.32
N MET A 74 -18.11 -3.77 -0.68
CA MET A 74 -18.72 -2.64 -0.07
CA MET A 74 -18.71 -2.63 -0.06
C MET A 74 -18.03 -1.37 -0.55
N LYS A 75 -18.83 -0.34 -0.76
CA LYS A 75 -18.39 0.95 -1.29
C LYS A 75 -18.49 2.04 -0.22
N PHE A 76 -17.43 2.83 -0.10
CA PHE A 76 -17.41 3.91 0.91
C PHE A 76 -16.92 5.24 0.37
N GLU A 77 -17.48 6.32 0.92
CA GLU A 77 -16.89 7.63 0.78
C GLU A 77 -15.82 7.81 1.87
N VAL A 78 -15.01 8.86 1.72
CA VAL A 78 -13.93 9.13 2.66
C VAL A 78 -14.43 10.28 3.53
N GLU A 79 -14.69 9.95 4.80
CA GLU A 79 -15.17 10.93 5.77
C GLU A 79 -14.02 11.84 6.24
N ASN A 80 -12.82 11.28 6.29
CA ASN A 80 -11.59 12.07 6.68
C ASN A 80 -10.41 11.47 5.97
N LEU A 81 -9.60 12.34 5.36
CA LEU A 81 -8.36 11.92 4.66
C LEU A 81 -7.21 12.57 5.43
N ILE A 82 -6.55 11.76 6.21
CA ILE A 82 -5.48 12.21 7.16
C ILE A 82 -4.10 11.87 6.62
N LEU A 83 -3.40 12.91 6.21
CA LEU A 83 -2.02 12.75 5.69
C LEU A 83 -1.00 13.08 6.81
N HIS A 84 0.19 12.51 6.70
CA HIS A 84 1.18 12.71 7.73
C HIS A 84 1.88 14.08 7.53
N LYS A 85 1.76 14.95 8.53
CA LYS A 85 2.26 16.35 8.43
C LYS A 85 3.75 16.44 8.14
N ASP A 86 4.49 15.40 8.46
CA ASP A 86 5.94 15.40 8.20
C ASP A 86 6.34 14.71 6.93
N TYR A 87 5.38 14.50 6.04
CA TYR A 87 5.70 13.89 4.74
C TYR A 87 6.78 14.75 4.06
N SER A 88 7.74 14.08 3.38
CA SER A 88 8.72 14.86 2.58
C SER A 88 9.34 13.91 1.57
N ALA A 89 10.23 14.47 0.75
CA ALA A 89 10.93 13.74 -0.30
C ALA A 89 9.91 13.19 -1.24
N ASP A 90 9.01 14.05 -1.71
CA ASP A 90 8.08 13.63 -2.76
C ASP A 90 8.73 13.23 -4.08
N THR A 91 9.95 13.66 -4.32
CA THR A 91 10.62 13.37 -5.57
C THR A 91 10.97 11.87 -5.72
N LEU A 92 11.32 11.21 -4.62
CA LEU A 92 11.60 9.76 -4.70
C LEU A 92 11.45 9.00 -3.40
N ALA A 93 12.37 9.22 -2.48
CA ALA A 93 12.48 8.38 -1.27
C ALA A 93 11.64 8.97 -0.17
N HIS A 94 10.34 8.69 -0.26
CA HIS A 94 9.38 9.41 0.53
C HIS A 94 9.56 9.15 2.07
N HIS A 95 9.51 10.22 2.85
CA HIS A 95 9.53 10.06 4.32
C HIS A 95 8.09 10.15 4.86
N ASN A 96 7.85 9.43 5.97
CA ASN A 96 6.57 9.49 6.67
C ASN A 96 5.42 9.24 5.69
N ASP A 97 5.57 8.16 4.93
CA ASP A 97 4.61 7.98 3.79
C ASP A 97 3.49 7.08 4.27
N ILE A 98 2.56 7.71 4.99
CA ILE A 98 1.52 6.91 5.65
C ILE A 98 0.30 7.83 5.76
N ALA A 99 -0.90 7.27 5.58
CA ALA A 99 -2.16 8.06 5.53
C ALA A 99 -3.25 7.20 6.15
N LEU A 100 -4.21 7.89 6.72
CA LEU A 100 -5.41 7.24 7.23
C LEU A 100 -6.64 7.74 6.49
N LEU A 101 -7.53 6.80 6.15
CA LEU A 101 -8.82 7.17 5.56
C LEU A 101 -9.94 6.66 6.45
N LYS A 102 -10.73 7.60 6.96
CA LYS A 102 -11.94 7.16 7.73
C LYS A 102 -13.02 6.97 6.68
N ILE A 103 -13.53 5.75 6.66
CA ILE A 103 -14.52 5.39 5.65
C ILE A 103 -15.94 5.43 6.16
N ARG A 104 -16.86 5.78 5.28
CA ARG A 104 -18.26 5.91 5.67
C ARG A 104 -19.10 5.66 4.41
N SER A 105 -19.97 4.66 4.48
CA SER A 105 -20.85 4.39 3.36
C SER A 105 -21.93 5.48 3.22
N LYS A 106 -22.66 5.41 2.08
CA LYS A 106 -23.81 6.27 1.86
C LYS A 106 -24.86 6.20 3.00
N GLU A 107 -24.96 5.04 3.67
CA GLU A 107 -25.91 4.78 4.75
C GLU A 107 -25.31 5.18 6.12
N GLY A 108 -24.12 5.76 6.08
CA GLY A 108 -23.46 6.22 7.31
C GLY A 108 -22.76 5.11 8.10
N ARG A 109 -22.38 4.01 7.45
CA ARG A 109 -21.81 2.89 8.19
C ARG A 109 -20.37 2.64 7.83
N CYS A 110 -19.70 1.86 8.67
CA CYS A 110 -18.32 1.40 8.39
C CYS A 110 -18.28 -0.03 7.79
N ALA A 111 -17.09 -0.60 7.68
CA ALA A 111 -16.98 -2.00 7.24
C ALA A 111 -17.73 -3.00 8.12
N GLN A 112 -18.34 -3.99 7.48
CA GLN A 112 -19.02 -5.10 8.17
C GLN A 112 -18.21 -6.36 7.81
N PRO A 113 -17.60 -7.03 8.80
CA PRO A 113 -16.79 -8.22 8.47
C PRO A 113 -17.58 -9.33 7.79
N SER A 114 -16.96 -9.95 6.80
CA SER A 114 -17.52 -11.06 6.06
C SER A 114 -16.36 -11.97 5.63
N ARG A 115 -16.68 -12.95 4.79
CA ARG A 115 -15.64 -13.83 4.23
C ARG A 115 -14.61 -13.01 3.40
N THR A 116 -15.02 -11.86 2.88
CA THR A 116 -14.19 -11.03 1.99
C THR A 116 -13.73 -9.74 2.58
N ILE A 117 -14.12 -9.45 3.82
CA ILE A 117 -13.80 -8.15 4.47
C ILE A 117 -13.38 -8.48 5.88
N GLN A 118 -12.13 -8.20 6.26
CA GLN A 118 -11.61 -8.52 7.58
C GLN A 118 -10.54 -7.50 7.86
N THR A 119 -10.29 -7.19 9.15
CA THR A 119 -9.16 -6.34 9.49
C THR A 119 -7.85 -7.10 9.60
N ILE A 120 -6.75 -6.33 9.48
CA ILE A 120 -5.38 -6.88 9.71
C ILE A 120 -4.81 -6.27 10.96
N ALA A 121 -4.07 -7.08 11.69
CA ALA A 121 -3.44 -6.61 12.93
C ALA A 121 -2.28 -5.68 12.66
N LEU A 122 -2.08 -4.72 13.54
CA LEU A 122 -0.93 -3.87 13.52
C LEU A 122 0.18 -4.57 14.27
N PRO A 123 1.44 -4.28 13.93
CA PRO A 123 2.56 -4.80 14.74
C PRO A 123 2.62 -4.14 16.09
N SER A 124 3.29 -4.78 17.03
CA SER A 124 3.61 -4.11 18.27
C SER A 124 4.84 -3.21 18.00
N MET A 125 5.09 -2.22 18.86
CA MET A 125 6.09 -1.21 18.52
C MET A 125 7.45 -1.82 18.33
N TYR A 126 8.14 -1.36 17.29
CA TYR A 126 9.54 -1.75 17.10
C TYR A 126 9.72 -3.25 17.03
N ASN A 127 8.70 -3.94 16.54
CA ASN A 127 8.75 -5.39 16.52
C ASN A 127 8.51 -5.92 15.12
N ASP A 128 9.59 -6.13 14.36
CA ASP A 128 9.57 -6.53 12.96
C ASP A 128 10.27 -7.89 12.83
N PRO A 129 9.97 -8.60 11.76
CA PRO A 129 10.66 -9.86 11.54
C PRO A 129 12.14 -9.66 11.23
N GLN A 130 12.96 -10.66 11.42
CA GLN A 130 14.40 -10.52 11.04
C GLN A 130 14.56 -10.48 9.54
N PHE A 131 15.64 -9.81 9.12
CA PHE A 131 15.90 -9.81 7.71
C PHE A 131 16.06 -11.25 7.18
N GLY A 132 15.69 -11.42 5.91
CA GLY A 132 15.59 -12.74 5.31
C GLY A 132 14.21 -13.37 5.46
N THR A 133 13.35 -12.85 6.34
CA THR A 133 11.96 -13.36 6.48
C THR A 133 11.20 -13.11 5.15
N SER A 134 10.38 -14.06 4.75
CA SER A 134 9.51 -13.93 3.58
C SER A 134 8.22 -13.32 4.03
N CYS A 135 7.79 -12.30 3.31
CA CYS A 135 6.50 -11.63 3.58
C CYS A 135 5.73 -11.54 2.25
N GLU A 136 4.48 -11.14 2.34
CA GLU A 136 3.67 -11.03 1.11
C GLU A 136 3.29 -9.59 0.83
N ILE A 137 3.07 -9.26 -0.47
CA ILE A 137 2.56 -7.94 -0.87
C ILE A 137 1.43 -8.18 -1.85
N THR A 138 0.48 -7.27 -1.85
CA THR A 138 -0.72 -7.42 -2.62
C THR A 138 -1.02 -6.11 -3.36
N GLY A 139 -1.53 -6.18 -4.60
CA GLY A 139 -1.98 -4.94 -5.27
C GLY A 139 -2.50 -5.14 -6.69
N PHE A 140 -3.06 -4.06 -7.22
CA PHE A 140 -3.51 -3.95 -8.62
C PHE A 140 -2.49 -3.19 -9.47
N GLY A 141 -1.24 -3.10 -9.01
CA GLY A 141 -0.23 -2.31 -9.80
C GLY A 141 0.26 -3.05 -11.05
N LYS A 142 1.08 -2.35 -11.80
CA LYS A 142 1.46 -2.90 -13.10
C LYS A 142 2.16 -4.27 -12.98
N GLU A 143 1.95 -5.12 -14.01
CA GLU A 143 2.62 -6.41 -14.07
C GLU A 143 3.99 -6.36 -14.74
N GLN A 144 4.25 -5.30 -15.50
CA GLN A 144 5.52 -5.06 -16.17
C GLN A 144 5.75 -3.57 -16.11
N SER A 145 7.02 -3.15 -15.97
CA SER A 145 7.33 -1.72 -15.89
C SER A 145 6.80 -0.98 -17.11
N THR A 146 6.85 -1.65 -18.27
CA THR A 146 6.52 -1.01 -19.51
C THR A 146 5.02 -1.01 -19.81
N ASP A 147 4.20 -1.67 -18.97
CA ASP A 147 2.79 -1.78 -19.27
C ASP A 147 2.12 -0.40 -19.16
N TYR A 148 1.04 -0.26 -19.92
CA TYR A 148 0.19 0.92 -19.87
C TYR A 148 -1.03 0.63 -18.97
N LEU A 149 -1.48 -0.61 -18.95
CA LEU A 149 -2.66 -0.99 -18.24
C LEU A 149 -2.30 -1.54 -16.87
N TYR A 150 -3.21 -1.45 -15.90
CA TYR A 150 -3.12 -2.19 -14.64
C TYR A 150 -3.90 -3.53 -14.87
N PRO A 151 -3.50 -4.61 -14.16
CA PRO A 151 -4.23 -5.89 -14.24
C PRO A 151 -5.66 -5.73 -13.76
N GLU A 152 -6.61 -6.43 -14.39
CA GLU A 152 -7.99 -6.41 -13.86
C GLU A 152 -8.15 -7.25 -12.63
N GLN A 153 -7.30 -8.22 -12.44
CA GLN A 153 -7.41 -9.16 -11.29
C GLN A 153 -6.29 -8.89 -10.27
N LEU A 154 -6.67 -8.94 -8.99
CA LEU A 154 -5.75 -8.67 -7.89
C LEU A 154 -4.56 -9.67 -7.99
N LYS A 155 -3.40 -9.21 -7.51
CA LYS A 155 -2.19 -10.03 -7.48
C LYS A 155 -1.53 -10.01 -6.09
N MET A 156 -0.72 -11.01 -5.83
CA MET A 156 0.12 -11.09 -4.64
C MET A 156 1.48 -11.65 -5.03
N THR A 157 2.53 -11.34 -4.25
CA THR A 157 3.76 -12.05 -4.41
C THR A 157 4.44 -12.13 -3.07
N VAL A 158 5.54 -12.85 -3.04
CA VAL A 158 6.39 -13.04 -1.83
C VAL A 158 7.71 -12.33 -2.10
N VAL A 159 8.11 -11.54 -1.11
CA VAL A 159 9.45 -10.85 -1.12
C VAL A 159 10.08 -11.10 0.25
N LYS A 160 11.39 -11.00 0.33
CA LYS A 160 12.16 -11.17 1.55
C LYS A 160 12.67 -9.84 2.05
N LEU A 161 12.59 -9.66 3.38
CA LEU A 161 13.09 -8.47 4.03
C LEU A 161 14.61 -8.45 3.85
N ILE A 162 15.10 -7.25 3.54
CA ILE A 162 16.54 -6.96 3.37
C ILE A 162 17.05 -6.12 4.56
N SER A 163 18.26 -6.39 5.05
CA SER A 163 18.77 -5.64 6.22
C SER A 163 18.97 -4.19 5.81
N HIS A 164 18.84 -3.28 6.78
CA HIS A 164 19.12 -1.90 6.55
C HIS A 164 20.55 -1.71 6.11
N ARG A 165 21.49 -2.51 6.66
CA ARG A 165 22.86 -2.43 6.14
C ARG A 165 22.97 -2.71 4.62
N GLU A 166 22.28 -3.76 4.15
CA GLU A 166 22.33 -4.10 2.77
C GLU A 166 21.68 -2.98 1.94
N CYS A 167 20.49 -2.51 2.36
CA CYS A 167 19.75 -1.51 1.59
C CYS A 167 20.46 -0.13 1.51
N GLN A 168 21.23 0.18 2.53
CA GLN A 168 21.94 1.44 2.58
C GLN A 168 23.27 1.42 1.95
N GLN A 169 23.64 0.31 1.35
CA GLN A 169 24.87 0.33 0.54
C GLN A 169 24.68 1.33 -0.62
N PRO A 170 25.75 2.04 -0.98
CA PRO A 170 25.61 3.01 -2.07
C PRO A 170 24.99 2.36 -3.36
N HIS A 171 25.36 1.09 -3.67
CA HIS A 171 24.85 0.44 -4.88
C HIS A 171 23.41 -0.08 -4.79
N TYR A 172 22.87 -0.03 -3.59
CA TYR A 172 21.43 -0.09 -3.39
C TYR A 172 20.87 1.31 -3.32
N TYR A 173 20.43 1.79 -2.17
CA TYR A 173 19.82 3.15 -2.10
C TYR A 173 20.58 4.15 -1.22
N GLY A 174 21.72 3.75 -0.69
CA GLY A 174 22.47 4.69 0.18
C GLY A 174 21.62 5.20 1.34
N SER A 175 21.84 6.46 1.67
CA SER A 175 21.16 7.16 2.75
C SER A 175 19.74 7.52 2.47
N GLU A 176 19.21 7.14 1.32
CA GLU A 176 17.78 7.37 1.06
C GLU A 176 16.94 6.52 1.96
N VAL A 177 17.46 5.35 2.37
CA VAL A 177 16.69 4.53 3.27
C VAL A 177 16.90 4.88 4.73
N THR A 178 15.79 5.10 5.44
CA THR A 178 15.89 5.48 6.86
C THR A 178 15.45 4.40 7.78
N THR A 179 15.67 4.58 9.09
CA THR A 179 15.14 3.62 10.08
C THR A 179 13.63 3.48 10.07
N LYS A 180 12.93 4.45 9.48
CA LYS A 180 11.48 4.34 9.45
C LYS A 180 10.98 3.64 8.18
N MET A 181 11.88 2.98 7.46
CA MET A 181 11.56 2.29 6.20
C MET A 181 12.06 0.88 6.32
N LEU A 182 11.51 0.00 5.50
CA LEU A 182 12.01 -1.39 5.38
C LEU A 182 12.19 -1.63 3.91
N CYS A 183 13.24 -2.37 3.54
CA CYS A 183 13.37 -2.84 2.17
C CYS A 183 13.00 -4.33 2.06
N ALA A 184 12.50 -4.73 0.89
CA ALA A 184 12.17 -6.11 0.64
C ALA A 184 12.35 -6.35 -0.87
N ALA A 185 12.83 -7.56 -1.23
CA ALA A 185 13.02 -7.89 -2.65
C ALA A 185 13.09 -9.38 -2.81
N ASP A 186 13.05 -9.82 -4.06
CA ASP A 186 13.27 -11.21 -4.42
C ASP A 186 14.78 -11.48 -4.62
N PRO A 187 15.28 -12.67 -4.24
CA PRO A 187 16.74 -12.89 -4.43
C PRO A 187 17.26 -12.82 -5.91
N GLN A 188 16.38 -13.19 -6.84
CA GLN A 188 16.59 -13.11 -8.29
C GLN A 188 16.12 -11.80 -8.90
N TRP A 189 15.53 -10.93 -8.09
CA TRP A 189 14.95 -9.63 -8.54
C TRP A 189 13.83 -9.80 -9.52
N LYS A 190 13.16 -10.96 -9.50
CA LYS A 190 12.20 -11.24 -10.60
C LYS A 190 10.73 -10.91 -10.23
N THR A 191 10.47 -10.58 -8.97
CA THR A 191 9.14 -10.21 -8.54
C THR A 191 9.28 -9.00 -7.61
N ASP A 192 8.27 -8.11 -7.57
CA ASP A 192 8.40 -6.84 -6.87
C ASP A 192 7.05 -6.12 -6.93
N SER A 193 6.93 -5.09 -6.08
CA SER A 193 5.88 -4.10 -6.26
C SER A 193 6.15 -3.22 -7.48
N CYS A 194 5.12 -2.58 -8.02
CA CYS A 194 5.30 -1.61 -9.11
C CYS A 194 4.29 -0.48 -9.02
N GLN A 195 4.33 0.43 -10.00
CA GLN A 195 3.38 1.56 -10.00
C GLN A 195 1.94 1.04 -9.87
N GLY A 196 1.21 1.66 -8.91
CA GLY A 196 -0.21 1.27 -8.62
C GLY A 196 -0.28 0.34 -7.42
N ASP A 197 0.82 -0.23 -6.96
CA ASP A 197 0.81 -1.02 -5.73
C ASP A 197 0.98 -0.19 -4.47
N SER A 198 1.32 1.07 -4.60
CA SER A 198 1.60 1.88 -3.38
C SER A 198 0.37 1.92 -2.45
N GLY A 199 0.66 2.06 -1.17
CA GLY A 199 -0.44 2.14 -0.15
C GLY A 199 -0.83 0.77 0.31
N GLY A 200 -0.59 -0.29 -0.46
CA GLY A 200 -0.99 -1.63 -0.11
C GLY A 200 -0.14 -2.29 0.94
N PRO A 201 -0.55 -3.48 1.39
CA PRO A 201 0.10 -4.11 2.54
C PRO A 201 1.29 -4.97 2.22
N LEU A 202 2.28 -4.88 3.08
CA LEU A 202 3.36 -5.91 3.22
C LEU A 202 2.98 -6.61 4.54
N VAL A 203 2.63 -7.89 4.40
CA VAL A 203 2.15 -8.70 5.53
C VAL A 203 3.16 -9.78 5.83
N CYS A 204 3.50 -9.93 7.11
CA CYS A 204 4.47 -10.92 7.50
C CYS A 204 3.81 -11.67 8.66
N SER A 205 4.19 -12.93 8.88
CA SER A 205 3.64 -13.66 10.01
C SER A 205 4.62 -13.55 11.15
N LEU A 206 4.20 -12.98 12.30
CA LEU A 206 5.05 -12.98 13.54
C LEU A 206 4.34 -13.70 14.63
N GLN A 207 5.03 -14.68 15.21
CA GLN A 207 4.48 -15.49 16.29
C GLN A 207 3.06 -15.90 15.91
N GLY A 208 2.94 -16.35 14.68
CA GLY A 208 1.70 -16.89 14.19
C GLY A 208 0.62 -15.86 13.94
N ARG A 209 0.95 -14.56 14.02
CA ARG A 209 -0.09 -13.56 13.74
CA ARG A 209 -0.07 -13.52 13.78
C ARG A 209 0.23 -12.87 12.43
N MET A 210 -0.71 -12.88 11.49
CA MET A 210 -0.52 -12.07 10.25
C MET A 210 -0.49 -10.57 10.64
N THR A 211 0.54 -9.82 10.22
CA THR A 211 0.70 -8.50 10.77
C THR A 211 1.05 -7.53 9.65
N LEU A 212 0.48 -6.34 9.73
CA LEU A 212 0.84 -5.27 8.73
C LEU A 212 2.21 -4.65 9.00
N THR A 213 3.26 -5.32 8.53
CA THR A 213 4.59 -4.86 8.76
C THR A 213 4.94 -3.61 7.96
N GLY A 214 4.44 -3.55 6.74
CA GLY A 214 4.79 -2.40 5.91
C GLY A 214 3.68 -1.91 5.02
N ILE A 215 3.89 -0.70 4.45
CA ILE A 215 2.99 -0.09 3.46
C ILE A 215 3.83 0.20 2.25
N VAL A 216 3.41 -0.28 1.10
CA VAL A 216 4.19 -0.08 -0.14
C VAL A 216 4.40 1.42 -0.35
N SER A 217 5.67 1.85 -0.46
CA SER A 217 5.96 3.29 -0.51
C SER A 217 6.74 3.81 -1.76
N TRP A 218 7.91 3.23 -2.06
CA TRP A 218 8.71 3.73 -3.15
C TRP A 218 9.69 2.71 -3.66
N GLY A 219 10.40 3.07 -4.74
CA GLY A 219 11.53 2.22 -5.21
C GLY A 219 11.91 2.70 -6.60
N ARG A 220 13.15 2.45 -7.00
CA ARG A 220 13.52 2.83 -8.38
C ARG A 220 13.10 1.71 -9.29
N GLY A 221 12.49 2.03 -10.41
CA GLY A 221 12.04 1.00 -11.28
C GLY A 221 11.12 -0.01 -10.61
N CYS A 222 11.09 -1.22 -11.16
CA CYS A 222 10.39 -2.33 -10.53
C CYS A 222 11.19 -3.59 -10.87
N ALA A 223 11.46 -4.45 -9.91
CA ALA A 223 12.13 -5.74 -10.24
C ALA A 223 13.48 -5.54 -10.97
N LEU A 224 14.23 -4.52 -10.50
CA LEU A 224 15.57 -4.27 -11.01
C LEU A 224 16.56 -4.70 -9.95
N LYS A 225 17.66 -5.31 -10.42
CA LYS A 225 18.75 -5.67 -9.55
C LYS A 225 19.21 -4.47 -8.71
N ASP A 226 19.37 -4.76 -7.40
CA ASP A 226 19.92 -3.82 -6.40
C ASP A 226 19.00 -2.64 -6.11
N LYS A 227 17.74 -2.78 -6.52
CA LYS A 227 16.78 -1.72 -6.35
C LYS A 227 15.53 -2.33 -5.67
N PRO A 228 15.58 -2.56 -4.32
CA PRO A 228 14.42 -3.24 -3.70
C PRO A 228 13.19 -2.33 -3.65
N GLY A 229 12.06 -2.93 -3.29
CA GLY A 229 10.95 -2.14 -2.86
C GLY A 229 11.23 -1.57 -1.50
N VAL A 230 10.67 -0.35 -1.24
CA VAL A 230 10.82 0.29 0.03
C VAL A 230 9.39 0.55 0.62
N TYR A 231 9.28 0.28 1.91
CA TYR A 231 8.01 0.23 2.60
C TYR A 231 8.10 1.07 3.87
N THR A 232 7.02 1.73 4.19
CA THR A 232 6.91 2.44 5.44
C THR A 232 6.87 1.37 6.54
N ARG A 233 7.71 1.57 7.56
CA ARG A 233 7.87 0.65 8.64
C ARG A 233 6.81 0.96 9.72
N VAL A 234 5.67 0.24 9.60
CA VAL A 234 4.46 0.52 10.41
C VAL A 234 4.79 0.48 11.96
N SER A 235 5.71 -0.40 12.34
CA SER A 235 6.00 -0.57 13.75
C SER A 235 6.68 0.71 14.39
N HIS A 236 7.04 1.69 13.57
CA HIS A 236 7.57 2.94 14.02
C HIS A 236 6.56 4.07 14.00
N PHE A 237 5.29 3.78 13.70
CA PHE A 237 4.26 4.80 13.55
C PHE A 237 3.08 4.56 14.45
N LEU A 238 3.23 3.68 15.47
CA LEU A 238 2.01 3.37 16.26
C LEU A 238 1.44 4.58 17.04
N PRO A 239 2.32 5.48 17.57
CA PRO A 239 1.74 6.64 18.27
C PRO A 239 0.95 7.52 17.27
N TRP A 240 1.49 7.71 16.05
CA TRP A 240 0.76 8.50 15.07
C TRP A 240 -0.59 7.87 14.69
N ILE A 241 -0.59 6.55 14.46
CA ILE A 241 -1.85 5.83 14.14
C ILE A 241 -2.85 5.95 15.30
N ARG A 242 -2.36 5.71 16.51
CA ARG A 242 -3.21 5.72 17.71
C ARG A 242 -3.84 7.11 17.89
N SER A 243 -3.01 8.14 17.78
CA SER A 243 -3.44 9.53 18.03
C SER A 243 -4.35 10.11 16.94
N HIS A 244 -4.36 9.55 15.72
CA HIS A 244 -5.30 10.01 14.63
C HIS A 244 -6.49 9.11 14.54
N THR A 245 -6.55 8.00 15.29
CA THR A 245 -7.69 7.06 15.10
C THR A 245 -8.62 7.15 16.26
N CYS B 1 10.07 16.51 -10.14
CA CYS B 1 8.78 15.79 -10.09
C CYS B 1 9.03 14.28 -9.73
N CYS B 2 7.96 13.54 -9.38
CA CYS B 2 8.09 12.27 -8.67
C CYS B 2 8.80 11.20 -9.59
N LEU B 3 9.85 10.53 -9.09
CA LEU B 3 10.61 9.49 -9.85
C LEU B 3 10.25 8.17 -9.21
N GLY B 4 10.36 7.09 -9.97
CA GLY B 4 10.24 5.72 -9.46
C GLY B 4 8.80 5.28 -9.34
N ARG B 5 8.58 4.24 -8.56
CA ARG B 5 7.23 3.56 -8.55
C ARG B 5 6.19 4.15 -7.64
N GLY B 6 6.62 5.01 -6.71
CA GLY B 6 5.73 5.54 -5.73
C GLY B 6 5.17 6.92 -6.13
N CYS B 7 4.58 7.03 -7.31
CA CYS B 7 4.20 8.36 -7.83
C CYS B 7 2.77 8.42 -8.37
N GLU B 8 1.90 7.53 -7.87
CA GLU B 8 0.54 7.52 -8.31
C GLU B 8 -0.13 8.88 -8.02
N ASN B 9 -1.13 9.18 -8.87
CA ASN B 9 -2.05 10.30 -8.59
C ASN B 9 -1.29 11.62 -8.32
N HIS B 10 -0.23 11.83 -9.09
CA HIS B 10 0.57 13.06 -9.03
C HIS B 10 0.21 14.02 -10.18
N ARG B 11 0.28 15.33 -9.91
CA ARG B 11 -0.03 16.37 -10.89
C ARG B 11 1.08 16.34 -11.99
N CYS B 12 2.34 16.15 -11.64
CA CYS B 12 3.42 16.31 -12.68
C CYS B 12 3.73 14.95 -13.38
N LEU B 13 4.88 14.23 -13.28
CA LEU B 13 5.73 13.98 -12.10
C LEU B 13 5.27 14.68 -10.81
N NH2 B 14 4.69 15.80 -10.82
S SO4 C . 10.12 17.52 -2.56
O1 SO4 C . 10.63 18.80 -2.02
O2 SO4 C . 11.23 16.64 -3.00
O3 SO4 C . 9.39 16.83 -1.47
O4 SO4 C . 9.25 17.76 -3.75
S SO4 D . 29.07 -0.11 -2.94
O1 SO4 D . 29.12 0.93 -4.02
O2 SO4 D . 29.98 0.28 -1.80
O3 SO4 D . 27.65 -0.27 -2.47
O4 SO4 D . 29.47 -1.44 -3.42
NA NA E . -13.09 1.72 13.75
CL CL F . 12.40 4.81 -12.22
NA NA G . -14.00 -12.71 -4.46
CL CL H . 15.15 -2.99 5.48
CL CL I . 11.49 12.66 9.37
S SO4 J . -8.80 16.10 -12.57
O1 SO4 J . -9.11 16.19 -14.02
O2 SO4 J . -7.44 15.53 -12.40
O3 SO4 J . -8.82 17.45 -11.96
O4 SO4 J . -9.86 15.31 -11.93
S SO4 K . 17.57 -4.58 9.94
O1 SO4 K . 17.28 -3.94 8.63
O2 SO4 K . 18.99 -5.10 9.97
O3 SO4 K . 17.35 -3.44 10.90
O4 SO4 K . 16.68 -5.74 10.17
O1 P6G L . -5.01 6.12 -13.46
C2 P6G L . -4.77 4.79 -12.97
C3 P6G L . -5.08 3.68 -13.99
O4 P6G L . -4.09 3.56 -15.03
C5 P6G L . -4.54 2.90 -16.24
C6 P6G L . -4.15 3.51 -17.62
O7 P6G L . -5.25 3.27 -18.55
C8 P6G L . -5.33 4.08 -19.75
C9 P6G L . -6.49 3.73 -20.73
O10 P6G L . -7.25 2.51 -20.51
C11 P6G L . -8.29 2.20 -21.42
C12 P6G L . -9.33 1.19 -20.96
O13 P6G L . -9.35 1.08 -19.54
C14 P6G L . -10.53 0.46 -19.02
C15 P6G L . -10.61 0.78 -17.53
O16 P6G L . -11.30 2.06 -17.37
C17 P6G L . -11.04 2.73 -16.12
C18 P6G L . -11.87 4.00 -15.87
O19 P6G L . -11.56 5.10 -16.77
C1 GOL M . 24.68 -8.12 -5.12
O1 GOL M . 23.67 -7.77 -6.10
C2 GOL M . 24.22 -7.51 -3.80
O2 GOL M . 22.95 -8.12 -3.56
C3 GOL M . 25.11 -7.67 -2.55
O3 GOL M . 24.61 -6.92 -1.36
#